data_8HCF
#
_entry.id   8HCF
#
_cell.length_a   64.031
_cell.length_b   85.771
_cell.length_c   100.035
_cell.angle_alpha   90.000
_cell.angle_beta   90.000
_cell.angle_gamma   90.000
#
_symmetry.space_group_name_H-M   'P 21 21 21'
#
loop_
_entity.id
_entity.type
_entity.pdbx_description
1 polymer 'Three-prime repair exonuclease 1'
2 non-polymer '4-(2-HYDROXYETHYL)-1-PIPERAZINE ETHANESULFONIC ACID'
3 non-polymer 'SULFATE ION'
4 non-polymer "URIDINE-5'-MONOPHOSPHATE"
5 water water
#
_entity_poly.entity_id   1
_entity_poly.type   'polypeptide(L)'
_entity_poly.pdbx_seq_one_letter_code
;MGSQTLPHGHMQTLIFLDLEATGLPSSRPEVTELCLLAVHRRALENTSISQGHPPPVPRPPRVVDKLSLCIAPGKACSPG
ASEITGLSKAELEVQGRQRFDDNLAILLRAFLQRQPQPCCLVAHNGDRYDFPLLQTELARLSTPSPLDGTFCVDSIAALK
ALEQASSPSGNGSRKSYSLGSIYTRLYWQAPTDSHTAEGDVLTLLSICQWKPQALLQWVDEHARPFSTVKPMYGTPATTG
TTLEHHHHHH
;
_entity_poly.pdbx_strand_id   A,B
#
# COMPACT_ATOMS: atom_id res chain seq x y z
N THR A 5 0.55 -14.04 -32.35
CA THR A 5 1.92 -13.56 -32.23
C THR A 5 2.01 -12.18 -31.57
N LEU A 6 2.19 -12.21 -30.35
CA LEU A 6 2.30 -11.02 -29.55
C LEU A 6 3.72 -10.46 -29.61
N PRO A 7 3.90 -9.17 -29.38
CA PRO A 7 5.26 -8.62 -29.48
C PRO A 7 6.17 -9.07 -28.35
N HIS A 8 5.64 -9.28 -27.16
CA HIS A 8 6.50 -9.55 -26.01
C HIS A 8 5.92 -10.63 -25.13
N GLY A 9 5.12 -11.51 -25.70
CA GLY A 9 4.55 -12.58 -24.92
C GLY A 9 3.35 -12.13 -24.09
N HIS A 10 2.81 -13.07 -23.34
CA HIS A 10 1.73 -12.77 -22.41
C HIS A 10 2.27 -12.10 -21.17
N MET A 11 1.67 -10.96 -20.79
CA MET A 11 2.08 -10.28 -19.57
C MET A 11 1.59 -11.07 -18.37
N GLN A 12 2.51 -11.39 -17.44
CA GLN A 12 2.10 -12.16 -16.28
C GLN A 12 1.68 -11.30 -15.10
N THR A 13 2.17 -10.05 -15.02
CA THR A 13 1.79 -9.08 -14.00
C THR A 13 1.37 -7.78 -14.68
N LEU A 14 0.24 -7.22 -14.25
CA LEU A 14 -0.11 -5.84 -14.56
C LEU A 14 0.13 -5.02 -13.31
N ILE A 15 0.84 -3.92 -13.47
CA ILE A 15 1.07 -3.00 -12.37
C ILE A 15 0.37 -1.69 -12.68
N PHE A 16 -0.76 -1.49 -12.03
CA PHE A 16 -1.51 -0.25 -12.17
C PHE A 16 -0.78 0.84 -11.44
N LEU A 17 -0.57 1.95 -12.13
CA LEU A 17 0.32 3.00 -11.68
C LEU A 17 -0.34 4.36 -11.79
N ASP A 18 -0.14 5.20 -10.77
CA ASP A 18 -0.47 6.61 -10.87
C ASP A 18 0.62 7.42 -10.19
N LEU A 19 1.01 8.55 -10.80
CA LEU A 19 1.95 9.54 -10.25
C LEU A 19 1.20 10.85 -10.08
N GLU A 20 1.43 11.56 -8.97
CA GLU A 20 1.03 12.95 -8.82
C GLU A 20 2.30 13.78 -8.80
N ALA A 21 2.21 15.03 -9.24
CA ALA A 21 3.40 15.84 -9.40
C ALA A 21 3.10 17.31 -9.21
N THR A 22 4.15 18.13 -9.33
CA THR A 22 4.06 19.53 -8.98
C THR A 22 3.39 20.41 -10.04
N GLY A 23 3.16 19.92 -11.26
CA GLY A 23 2.64 20.76 -12.32
C GLY A 23 2.61 20.01 -13.64
N LEU A 24 2.30 20.77 -14.70
CA LEU A 24 2.16 20.24 -16.04
C LEU A 24 3.52 20.17 -16.73
N PRO A 25 3.63 19.42 -17.82
CA PRO A 25 4.97 19.09 -18.36
C PRO A 25 5.93 20.26 -18.62
N SER A 26 5.47 21.39 -19.19
CA SER A 26 6.39 22.47 -19.50
C SER A 26 7.00 23.09 -18.25
N SER A 27 6.41 22.84 -17.08
CA SER A 27 6.95 23.35 -15.83
C SER A 27 8.14 22.54 -15.30
N ARG A 28 8.47 21.43 -15.97
CA ARG A 28 9.52 20.50 -15.54
C ARG A 28 9.18 19.98 -14.14
N PRO A 29 8.09 19.23 -14.05
CA PRO A 29 7.55 18.89 -12.74
C PRO A 29 8.30 17.77 -12.07
N GLU A 30 8.06 17.66 -10.77
CA GLU A 30 8.64 16.62 -9.96
C GLU A 30 7.54 15.82 -9.26
N VAL A 31 7.77 14.51 -9.11
CA VAL A 31 6.80 13.62 -8.52
C VAL A 31 6.63 13.94 -7.04
N THR A 32 5.37 13.99 -6.58
CA THR A 32 5.03 14.14 -5.16
C THR A 32 4.33 12.92 -4.58
N GLU A 33 3.82 11.99 -5.40
CA GLU A 33 3.21 10.77 -4.90
C GLU A 33 3.24 9.72 -5.99
N LEU A 34 3.39 8.47 -5.57
CA LEU A 34 3.44 7.35 -6.49
C LEU A 34 2.68 6.19 -5.87
N CYS A 35 1.82 5.55 -6.66
CA CYS A 35 1.20 4.32 -6.23
C CYS A 35 1.35 3.25 -7.30
N LEU A 36 1.75 2.06 -6.87
CA LEU A 36 1.81 0.85 -7.68
C LEU A 36 0.88 -0.21 -7.09
N LEU A 37 0.06 -0.85 -7.92
CA LEU A 37 -0.81 -1.94 -7.49
C LEU A 37 -0.56 -3.08 -8.48
N ALA A 38 0.12 -4.13 -8.03
CA ALA A 38 0.51 -5.24 -8.90
C ALA A 38 -0.49 -6.37 -8.78
N VAL A 39 -1.01 -6.82 -9.92
CA VAL A 39 -2.02 -7.85 -10.00
C VAL A 39 -1.55 -8.92 -10.98
N HIS A 40 -1.55 -10.18 -10.56
CA HIS A 40 -1.20 -11.27 -11.46
C HIS A 40 -2.29 -11.45 -12.52
N ARG A 41 -1.87 -11.88 -13.71
CA ARG A 41 -2.82 -12.16 -14.78
C ARG A 41 -3.98 -13.04 -14.31
N ARG A 42 -3.70 -14.08 -13.53
CA ARG A 42 -4.77 -15.01 -13.16
C ARG A 42 -5.77 -14.38 -12.21
N ALA A 43 -5.32 -13.42 -11.42
CA ALA A 43 -6.23 -12.73 -10.50
C ALA A 43 -7.23 -11.88 -11.27
N LEU A 44 -6.81 -11.32 -12.40
CA LEU A 44 -7.75 -10.60 -13.27
C LEU A 44 -8.65 -11.58 -14.02
N GLU A 45 -8.08 -12.66 -14.53
CA GLU A 45 -8.89 -13.66 -15.23
C GLU A 45 -9.96 -14.22 -14.31
N ASN A 46 -9.72 -14.20 -12.99
CA ASN A 46 -10.69 -14.71 -12.03
C ASN A 46 -11.78 -13.70 -11.67
N THR A 47 -11.72 -12.48 -12.20
CA THR A 47 -12.78 -11.52 -11.98
C THR A 47 -14.11 -12.07 -12.49
N SER A 48 -15.16 -11.97 -11.67
CA SER A 48 -16.47 -12.41 -12.09
C SER A 48 -16.98 -11.58 -13.28
N ILE A 49 -17.66 -12.23 -14.21
CA ILE A 49 -18.28 -11.57 -15.36
C ILE A 49 -19.76 -11.41 -15.06
N SER A 50 -20.22 -10.15 -14.95
CA SER A 50 -21.59 -9.91 -14.51
C SER A 50 -22.60 -10.17 -15.62
N GLN A 51 -22.42 -9.52 -16.78
CA GLN A 51 -23.36 -9.60 -17.90
C GLN A 51 -24.74 -9.07 -17.52
N GLY A 52 -24.76 -8.01 -16.70
CA GLY A 52 -25.99 -7.37 -16.30
C GLY A 52 -25.96 -5.88 -16.58
N HIS A 53 -27.09 -5.22 -16.35
CA HIS A 53 -27.25 -3.80 -16.67
C HIS A 53 -27.83 -3.05 -15.48
N PRO A 54 -27.00 -2.30 -14.71
CA PRO A 54 -25.55 -2.11 -14.89
C PRO A 54 -24.78 -3.25 -14.26
N PRO A 55 -23.56 -3.49 -14.73
CA PRO A 55 -22.69 -4.43 -14.03
C PRO A 55 -22.30 -3.86 -12.68
N PRO A 56 -22.22 -4.70 -11.64
CA PRO A 56 -21.69 -4.22 -10.37
C PRO A 56 -20.24 -3.86 -10.49
N VAL A 57 -19.80 -2.95 -9.65
CA VAL A 57 -18.40 -2.56 -9.70
C VAL A 57 -17.62 -3.79 -9.22
N PRO A 58 -16.67 -4.29 -9.99
CA PRO A 58 -15.89 -5.45 -9.52
C PRO A 58 -15.16 -5.16 -8.21
N ARG A 59 -14.99 -6.15 -7.44
CA ARG A 59 -14.10 -5.87 -6.32
C ARG A 59 -12.67 -6.28 -6.67
N PRO A 60 -11.71 -5.63 -6.04
CA PRO A 60 -10.30 -5.94 -6.30
C PRO A 60 -10.05 -7.42 -6.03
N PRO A 61 -9.09 -8.02 -6.73
CA PRO A 61 -8.67 -9.38 -6.37
C PRO A 61 -8.17 -9.45 -4.94
N ARG A 62 -8.34 -10.63 -4.35
CA ARG A 62 -7.85 -10.82 -2.99
C ARG A 62 -6.34 -10.67 -2.91
N VAL A 63 -5.62 -11.21 -3.89
CA VAL A 63 -4.15 -11.23 -3.89
C VAL A 63 -3.67 -10.03 -4.69
N VAL A 64 -3.12 -9.04 -4.01
CA VAL A 64 -2.53 -7.87 -4.65
C VAL A 64 -1.30 -7.46 -3.86
N ASP A 65 -0.34 -6.86 -4.56
CA ASP A 65 0.75 -6.15 -3.89
C ASP A 65 0.57 -4.66 -4.12
N LYS A 66 0.77 -3.86 -3.09
CA LYS A 66 0.54 -2.42 -3.18
C LYS A 66 1.68 -1.65 -2.56
N LEU A 67 2.03 -0.54 -3.20
CA LEU A 67 3.01 0.41 -2.70
C LEU A 67 2.48 1.81 -2.97
N SER A 68 2.34 2.62 -1.93
CA SER A 68 1.97 4.01 -2.10
C SER A 68 2.94 4.87 -1.30
N LEU A 69 3.57 5.84 -1.93
CA LEU A 69 4.54 6.71 -1.27
C LEU A 69 4.34 8.18 -1.61
N CYS A 70 4.54 9.03 -0.60
CA CYS A 70 4.63 10.48 -0.77
C CYS A 70 6.10 10.88 -0.83
N ILE A 71 6.40 11.82 -1.71
CA ILE A 71 7.76 12.17 -2.09
C ILE A 71 7.91 13.68 -2.02
N ALA A 72 8.95 14.16 -1.32
CA ALA A 72 9.19 15.61 -1.27
C ALA A 72 9.79 16.09 -2.59
N PRO A 73 9.18 17.05 -3.28
CA PRO A 73 9.81 17.60 -4.49
C PRO A 73 10.84 18.66 -4.14
N GLY A 74 11.68 18.93 -5.11
CA GLY A 74 12.62 20.02 -4.94
C GLY A 74 12.11 21.39 -5.36
N LYS A 75 10.92 21.45 -5.95
CA LYS A 75 10.30 22.71 -6.35
C LYS A 75 8.87 22.71 -5.82
N ALA A 76 8.30 23.91 -5.69
CA ALA A 76 6.94 24.04 -5.17
C ALA A 76 5.91 23.50 -6.17
N CYS A 77 4.80 23.00 -5.64
CA CYS A 77 3.65 22.68 -6.46
C CYS A 77 3.01 23.97 -6.94
N SER A 78 2.53 23.96 -8.17
CA SER A 78 1.70 25.06 -8.65
C SER A 78 0.40 25.12 -7.84
N PRO A 79 -0.25 26.27 -7.82
CA PRO A 79 -1.54 26.34 -7.12
C PRO A 79 -2.54 25.33 -7.61
N GLY A 80 -2.63 25.16 -8.94
CA GLY A 80 -3.51 24.16 -9.49
C GLY A 80 -3.14 22.77 -9.03
N ALA A 81 -1.84 22.46 -8.97
CA ALA A 81 -1.42 21.13 -8.56
C ALA A 81 -1.78 20.86 -7.09
N SER A 82 -1.54 21.84 -6.22
CA SER A 82 -1.86 21.63 -4.82
C SER A 82 -3.35 21.47 -4.61
N GLU A 83 -4.16 22.25 -5.34
CA GLU A 83 -5.61 22.12 -5.24
C GLU A 83 -6.07 20.72 -5.64
N ILE A 84 -5.59 20.23 -6.76
CA ILE A 84 -6.07 18.96 -7.28
C ILE A 84 -5.50 17.80 -6.48
N THR A 85 -4.22 17.86 -6.05
CA THR A 85 -3.62 16.70 -5.41
C THR A 85 -3.74 16.72 -3.90
N GLY A 86 -4.01 17.87 -3.29
CA GLY A 86 -4.01 17.94 -1.85
C GLY A 86 -2.64 17.87 -1.22
N LEU A 87 -1.57 17.97 -2.00
CA LEU A 87 -0.21 17.95 -1.52
C LEU A 87 0.48 19.29 -1.75
N SER A 88 1.47 19.58 -0.92
CA SER A 88 2.31 20.75 -1.11
C SER A 88 3.73 20.41 -0.68
N LYS A 89 4.69 21.14 -1.27
CA LYS A 89 6.08 20.93 -0.87
C LYS A 89 6.27 21.19 0.63
N ALA A 90 5.70 22.28 1.14
CA ALA A 90 5.90 22.62 2.54
C ALA A 90 5.38 21.53 3.46
N GLU A 91 4.22 20.96 3.15
CA GLU A 91 3.67 19.97 4.06
C GLU A 91 4.40 18.66 3.94
N LEU A 92 4.81 18.29 2.72
CA LEU A 92 5.63 17.09 2.59
C LEU A 92 6.93 17.22 3.37
N GLU A 93 7.53 18.41 3.38
CA GLU A 93 8.76 18.64 4.12
C GLU A 93 8.54 18.58 5.63
N VAL A 94 7.46 19.18 6.12
CA VAL A 94 7.27 19.19 7.57
C VAL A 94 7.00 17.77 8.07
N GLN A 95 6.50 16.89 7.20
CA GLN A 95 6.34 15.49 7.54
C GLN A 95 7.52 14.64 7.12
N GLY A 96 8.67 15.27 6.90
CA GLY A 96 9.91 14.57 6.72
C GLY A 96 9.97 13.66 5.52
N ARG A 97 9.19 13.90 4.49
CA ARG A 97 9.32 13.06 3.31
C ARG A 97 10.66 13.26 2.64
N GLN A 98 11.17 12.16 2.09
CA GLN A 98 12.42 12.17 1.36
C GLN A 98 12.19 12.40 -0.13
N ARG A 99 13.26 12.84 -0.78
CA ARG A 99 13.25 13.07 -2.21
C ARG A 99 13.19 11.76 -2.99
N PHE A 100 13.03 11.88 -4.30
CA PHE A 100 13.12 10.75 -5.22
C PHE A 100 14.58 10.41 -5.36
N ASP A 101 15.02 9.37 -4.65
CA ASP A 101 16.45 9.18 -4.42
C ASP A 101 16.85 7.70 -4.59
N ASP A 102 18.13 7.41 -4.30
CA ASP A 102 18.64 6.07 -4.56
C ASP A 102 17.95 5.01 -3.69
N ASN A 103 17.64 5.37 -2.45
CA ASN A 103 16.94 4.41 -1.62
C ASN A 103 15.56 4.11 -2.16
N LEU A 104 14.87 5.12 -2.73
CA LEU A 104 13.59 4.83 -3.38
C LEU A 104 13.77 3.88 -4.54
N ALA A 105 14.86 4.02 -5.31
CA ALA A 105 15.09 3.04 -6.38
C ALA A 105 15.33 1.63 -5.82
N ILE A 106 16.04 1.48 -4.68
CA ILE A 106 16.20 0.17 -4.04
C ILE A 106 14.82 -0.42 -3.75
N LEU A 107 13.94 0.40 -3.21
CA LEU A 107 12.60 -0.05 -2.85
C LEU A 107 11.82 -0.48 -4.08
N LEU A 108 11.82 0.36 -5.11
CA LEU A 108 11.09 0.02 -6.34
C LEU A 108 11.63 -1.25 -6.96
N ARG A 109 12.96 -1.35 -7.04
CA ARG A 109 13.55 -2.58 -7.60
C ARG A 109 13.10 -3.81 -6.82
N ALA A 110 13.14 -3.76 -5.48
CA ALA A 110 12.81 -4.94 -4.69
C ALA A 110 11.32 -5.30 -4.84
N PHE A 111 10.45 -4.30 -4.90
CA PHE A 111 9.02 -4.51 -5.14
C PHE A 111 8.78 -5.15 -6.50
N LEU A 112 9.47 -4.63 -7.53
CA LEU A 112 9.31 -5.18 -8.87
C LEU A 112 9.80 -6.61 -8.94
N GLN A 113 10.87 -6.92 -8.18
CA GLN A 113 11.45 -8.24 -8.19
C GLN A 113 10.50 -9.30 -7.67
N ARG A 114 9.56 -8.93 -6.82
CA ARG A 114 8.58 -9.88 -6.33
C ARG A 114 7.48 -10.20 -7.32
N GLN A 115 7.46 -9.56 -8.51
CA GLN A 115 6.39 -9.83 -9.48
C GLN A 115 6.83 -10.74 -10.60
N PRO A 116 6.03 -11.73 -10.97
CA PRO A 116 6.35 -12.55 -12.13
C PRO A 116 6.45 -11.72 -13.39
N GLN A 117 7.39 -12.08 -14.24
CA GLN A 117 7.65 -11.42 -15.51
C GLN A 117 7.08 -12.24 -16.67
N PRO A 118 6.76 -11.62 -17.81
CA PRO A 118 6.88 -10.20 -18.11
C PRO A 118 5.86 -9.37 -17.32
N CYS A 119 6.25 -8.15 -17.01
CA CYS A 119 5.43 -7.24 -16.22
C CYS A 119 5.14 -5.98 -17.00
N CYS A 120 3.89 -5.51 -16.92
CA CYS A 120 3.46 -4.36 -17.69
C CYS A 120 2.84 -3.31 -16.78
N LEU A 121 3.42 -2.10 -16.78
CA LEU A 121 2.79 -0.94 -16.15
C LEU A 121 1.57 -0.50 -16.94
N VAL A 122 0.54 -0.07 -16.22
CA VAL A 122 -0.71 0.40 -16.84
C VAL A 122 -1.02 1.72 -16.14
N ALA A 123 -1.07 2.81 -16.90
CA ALA A 123 -1.37 4.11 -16.33
C ALA A 123 -2.25 4.92 -17.22
N HIS A 124 -3.20 5.64 -16.63
CA HIS A 124 -4.12 6.46 -17.39
C HIS A 124 -3.44 7.75 -17.80
N ASN A 125 -3.32 7.97 -19.13
CA ASN A 125 -2.47 9.04 -19.70
C ASN A 125 -0.98 8.80 -19.44
N GLY A 126 -0.58 7.53 -19.20
CA GLY A 126 0.82 7.27 -18.91
C GLY A 126 1.75 7.60 -20.05
N ASP A 127 1.28 7.47 -21.29
CA ASP A 127 2.16 7.74 -22.43
C ASP A 127 2.56 9.20 -22.51
N ARG A 128 1.71 10.12 -22.06
CA ARG A 128 1.99 11.55 -22.12
C ARG A 128 2.38 12.19 -20.81
N TYR A 129 2.24 11.49 -19.68
CA TYR A 129 2.57 12.12 -18.42
C TYR A 129 3.32 11.15 -17.50
N ASP A 130 2.68 10.09 -17.01
CA ASP A 130 3.29 9.33 -15.92
C ASP A 130 4.57 8.65 -16.37
N PHE A 131 4.57 8.04 -17.57
CA PHE A 131 5.75 7.28 -17.96
C PHE A 131 6.91 8.20 -18.29
N PRO A 132 6.74 9.25 -19.10
CA PRO A 132 7.88 10.16 -19.32
C PRO A 132 8.41 10.81 -18.04
N LEU A 133 7.52 11.17 -17.12
CA LEU A 133 7.99 11.77 -15.88
C LEU A 133 8.77 10.76 -15.03
N LEU A 134 8.28 9.53 -14.92
CA LEU A 134 9.00 8.51 -14.16
C LEU A 134 10.37 8.26 -14.78
N GLN A 135 10.43 8.23 -16.10
CA GLN A 135 11.70 8.07 -16.80
C GLN A 135 12.68 9.17 -16.41
N THR A 136 12.20 10.41 -16.39
CA THR A 136 13.04 11.55 -16.01
C THR A 136 13.55 11.39 -14.58
N GLU A 137 12.66 11.04 -13.64
CA GLU A 137 13.09 10.93 -12.25
C GLU A 137 14.15 9.83 -12.10
N LEU A 138 13.94 8.70 -12.75
CA LEU A 138 14.90 7.60 -12.61
C LEU A 138 16.22 7.91 -13.30
N ALA A 139 16.19 8.70 -14.37
CA ALA A 139 17.41 9.02 -15.11
C ALA A 139 18.38 9.88 -14.30
N ARG A 140 17.87 10.61 -13.32
CA ARG A 140 18.69 11.46 -12.47
C ARG A 140 19.53 10.65 -11.49
N LEU A 141 19.17 9.40 -11.24
CA LEU A 141 19.87 8.58 -10.27
C LEU A 141 21.09 7.90 -10.87
N SER A 142 22.06 7.61 -9.99
CA SER A 142 23.21 6.78 -10.34
C SER A 142 22.80 5.36 -10.69
N THR A 143 21.88 4.79 -9.92
CA THR A 143 21.41 3.43 -10.16
C THR A 143 20.84 3.26 -11.56
N PRO A 144 21.17 2.18 -12.27
CA PRO A 144 20.44 1.86 -13.50
C PRO A 144 18.96 1.70 -13.19
N SER A 145 18.14 2.10 -14.13
CA SER A 145 16.71 2.13 -13.86
C SER A 145 16.16 0.74 -13.54
N PRO A 146 15.35 0.61 -12.49
CA PRO A 146 14.71 -0.69 -12.21
C PRO A 146 13.67 -1.11 -13.23
N LEU A 147 13.30 -0.25 -14.17
CA LEU A 147 12.23 -0.52 -15.11
C LEU A 147 12.70 -0.90 -16.51
N ASP A 148 14.01 -1.10 -16.74
CA ASP A 148 14.47 -1.30 -18.11
C ASP A 148 14.06 -2.65 -18.74
N GLY A 149 13.52 -3.58 -17.97
CA GLY A 149 13.00 -4.82 -18.50
C GLY A 149 11.49 -4.89 -18.35
N THR A 150 10.87 -3.83 -17.93
CA THR A 150 9.42 -3.77 -17.76
C THR A 150 8.76 -3.18 -19.00
N PHE A 151 7.50 -3.56 -19.21
CA PHE A 151 6.70 -3.03 -20.31
C PHE A 151 5.67 -2.04 -19.78
N CYS A 152 5.04 -1.33 -20.72
CA CYS A 152 4.00 -0.37 -20.34
C CYS A 152 2.97 -0.15 -21.42
N VAL A 153 1.76 0.25 -20.94
CA VAL A 153 0.65 0.66 -21.79
C VAL A 153 -0.13 1.78 -21.14
N ASP A 154 -0.88 2.52 -21.97
CA ASP A 154 -1.74 3.62 -21.53
C ASP A 154 -3.18 3.10 -21.54
N SER A 155 -3.86 3.25 -20.43
CA SER A 155 -5.22 2.73 -20.37
C SER A 155 -6.25 3.60 -21.05
N ILE A 156 -5.90 4.82 -21.49
CA ILE A 156 -6.84 5.57 -22.32
C ILE A 156 -7.00 4.86 -23.66
N ALA A 157 -5.88 4.47 -24.25
CA ALA A 157 -5.94 3.70 -25.49
C ALA A 157 -6.66 2.38 -25.29
N ALA A 158 -6.43 1.72 -24.15
CA ALA A 158 -7.09 0.45 -23.90
C ALA A 158 -8.59 0.62 -23.91
N LEU A 159 -9.10 1.59 -23.16
CA LEU A 159 -10.55 1.71 -23.06
C LEU A 159 -11.15 2.25 -24.34
N LYS A 160 -10.41 3.04 -25.13
CA LYS A 160 -10.93 3.39 -26.43
C LYS A 160 -11.16 2.16 -27.28
N ALA A 161 -10.27 1.17 -27.18
CA ALA A 161 -10.41 -0.04 -27.99
C ALA A 161 -11.52 -0.92 -27.45
N LEU A 162 -11.67 -0.99 -26.11
CA LEU A 162 -12.64 -1.89 -25.51
C LEU A 162 -14.06 -1.37 -25.69
N GLU A 163 -14.22 -0.06 -25.79
CA GLU A 163 -15.52 0.54 -26.07
C GLU A 163 -15.83 0.68 -27.55
N GLN A 164 -14.91 0.36 -28.45
CA GLN A 164 -15.19 0.51 -29.88
C GLN A 164 -16.04 -0.64 -30.39
N ALA A 165 -16.79 -0.37 -31.47
CA ALA A 165 -17.78 -1.29 -32.00
C ALA A 165 -17.31 -1.92 -33.31
N SER A 166 -17.64 -3.20 -33.51
CA SER A 166 -17.34 -3.91 -34.74
C SER A 166 -18.52 -4.78 -35.14
N ARG A 174 -16.94 12.45 -28.83
CA ARG A 174 -17.91 12.92 -27.86
C ARG A 174 -17.64 12.39 -26.44
N LYS A 175 -17.33 11.09 -26.34
CA LYS A 175 -17.05 10.48 -25.05
C LYS A 175 -15.80 11.10 -24.42
N SER A 176 -15.90 11.46 -23.15
CA SER A 176 -14.71 11.80 -22.37
C SER A 176 -13.97 10.52 -21.99
N TYR A 177 -12.64 10.57 -22.02
CA TYR A 177 -11.83 9.48 -21.50
C TYR A 177 -11.10 9.87 -20.23
N SER A 178 -11.65 10.82 -19.47
CA SER A 178 -11.20 11.03 -18.12
C SER A 178 -11.54 9.80 -17.29
N LEU A 179 -10.71 9.53 -16.27
CA LEU A 179 -10.90 8.37 -15.42
C LEU A 179 -12.31 8.32 -14.86
N GLY A 180 -12.77 9.44 -14.29
CA GLY A 180 -14.09 9.47 -13.71
C GLY A 180 -15.20 9.29 -14.72
N SER A 181 -15.06 9.91 -15.90
CA SER A 181 -16.09 9.77 -16.92
C SER A 181 -16.22 8.32 -17.35
N ILE A 182 -15.09 7.63 -17.52
CA ILE A 182 -15.16 6.24 -17.94
C ILE A 182 -15.84 5.40 -16.88
N TYR A 183 -15.41 5.55 -15.63
CA TYR A 183 -16.00 4.75 -14.55
C TYR A 183 -17.50 4.96 -14.52
N THR A 184 -17.98 6.21 -14.58
CA THR A 184 -19.42 6.43 -14.49
C THR A 184 -20.17 5.86 -15.72
N ARG A 185 -19.55 5.90 -16.90
CA ARG A 185 -20.17 5.38 -18.10
C ARG A 185 -20.29 3.86 -18.07
N LEU A 186 -19.32 3.19 -17.43
CA LEU A 186 -19.35 1.74 -17.34
C LEU A 186 -20.26 1.25 -16.23
N TYR A 187 -20.23 1.93 -15.09
CA TYR A 187 -20.89 1.43 -13.89
C TYR A 187 -22.09 2.24 -13.46
N TRP A 188 -22.34 3.40 -14.09
CA TRP A 188 -23.53 4.19 -13.81
C TRP A 188 -23.66 4.48 -12.30
N GLN A 189 -22.51 4.77 -11.71
CA GLN A 189 -22.46 5.36 -10.39
C GLN A 189 -21.18 6.18 -10.32
N ALA A 190 -21.17 7.11 -9.41
CA ALA A 190 -20.00 7.96 -9.29
C ALA A 190 -18.86 7.20 -8.62
N PRO A 191 -17.62 7.46 -9.01
CA PRO A 191 -16.50 6.90 -8.25
C PRO A 191 -16.48 7.48 -6.83
N THR A 192 -15.94 6.71 -5.90
CA THR A 192 -15.85 7.25 -4.54
C THR A 192 -14.50 6.95 -3.92
N ASP A 193 -13.49 6.74 -4.75
CA ASP A 193 -12.13 6.71 -4.25
C ASP A 193 -11.64 8.11 -3.85
N SER A 194 -10.62 8.13 -3.00
CA SER A 194 -10.03 9.40 -2.60
C SER A 194 -9.31 10.04 -3.78
N HIS A 195 -9.09 11.35 -3.65
CA HIS A 195 -8.32 12.11 -4.64
C HIS A 195 -6.84 11.98 -4.28
N THR A 196 -6.36 10.75 -4.41
CA THR A 196 -4.97 10.43 -4.11
C THR A 196 -4.44 9.55 -5.23
N ALA A 197 -3.12 9.32 -5.24
CA ALA A 197 -2.57 8.40 -6.22
C ALA A 197 -3.18 7.01 -6.06
N GLU A 198 -3.34 6.54 -4.82
CA GLU A 198 -3.92 5.23 -4.63
C GLU A 198 -5.39 5.21 -5.03
N GLY A 199 -6.15 6.26 -4.69
CA GLY A 199 -7.55 6.31 -5.13
C GLY A 199 -7.67 6.19 -6.64
N ASP A 200 -6.83 6.94 -7.38
CA ASP A 200 -6.89 6.89 -8.84
C ASP A 200 -6.50 5.51 -9.37
N VAL A 201 -5.54 4.84 -8.73
CA VAL A 201 -5.17 3.48 -9.12
C VAL A 201 -6.33 2.52 -8.88
N LEU A 202 -7.06 2.66 -7.77
CA LEU A 202 -8.18 1.75 -7.51
C LEU A 202 -9.32 1.97 -8.49
N THR A 203 -9.59 3.22 -8.83
CA THR A 203 -10.60 3.50 -9.86
C THR A 203 -10.16 2.90 -11.20
N LEU A 204 -8.89 3.05 -11.55
CA LEU A 204 -8.36 2.47 -12.79
C LEU A 204 -8.49 0.94 -12.78
N LEU A 205 -8.14 0.30 -11.66
CA LEU A 205 -8.32 -1.13 -11.56
C LEU A 205 -9.77 -1.52 -11.84
N SER A 206 -10.72 -0.82 -11.22
CA SER A 206 -12.13 -1.16 -11.43
C SER A 206 -12.52 -1.07 -12.91
N ILE A 207 -12.06 -0.03 -13.60
CA ILE A 207 -12.34 0.13 -15.02
C ILE A 207 -11.73 -1.02 -15.80
N CYS A 208 -10.52 -1.41 -15.44
CA CYS A 208 -9.84 -2.50 -16.15
C CYS A 208 -10.43 -3.86 -15.85
N GLN A 209 -11.21 -4.00 -14.79
CA GLN A 209 -11.92 -5.22 -14.48
C GLN A 209 -13.33 -5.29 -15.11
N TRP A 210 -13.72 -4.28 -15.88
CA TRP A 210 -15.01 -4.31 -16.58
C TRP A 210 -15.10 -5.47 -17.56
N LYS A 211 -14.06 -5.62 -18.40
CA LYS A 211 -13.93 -6.73 -19.36
C LYS A 211 -12.50 -7.25 -19.21
N PRO A 212 -12.25 -8.10 -18.22
CA PRO A 212 -10.87 -8.36 -17.85
C PRO A 212 -10.11 -9.15 -18.90
N GLN A 213 -10.75 -10.14 -19.52
CA GLN A 213 -10.06 -10.92 -20.55
C GLN A 213 -9.75 -10.03 -21.74
N ALA A 214 -10.68 -9.19 -22.13
CA ALA A 214 -10.44 -8.29 -23.26
C ALA A 214 -9.34 -7.28 -22.94
N LEU A 215 -9.34 -6.73 -21.73
CA LEU A 215 -8.28 -5.82 -21.33
C LEU A 215 -6.94 -6.52 -21.41
N LEU A 216 -6.84 -7.74 -20.88
CA LEU A 216 -5.56 -8.45 -20.91
C LEU A 216 -5.09 -8.68 -22.34
N GLN A 217 -6.01 -9.06 -23.23
CA GLN A 217 -5.67 -9.25 -24.65
C GLN A 217 -5.13 -7.95 -25.26
N TRP A 218 -5.82 -6.83 -25.03
CA TRP A 218 -5.34 -5.55 -25.57
C TRP A 218 -3.95 -5.23 -25.00
N VAL A 219 -3.74 -5.47 -23.71
CA VAL A 219 -2.44 -5.16 -23.11
C VAL A 219 -1.36 -6.02 -23.73
N ASP A 220 -1.63 -7.32 -23.86
CA ASP A 220 -0.64 -8.22 -24.50
C ASP A 220 -0.27 -7.72 -25.88
N GLU A 221 -1.26 -7.26 -26.67
CA GLU A 221 -1.01 -6.85 -28.04
C GLU A 221 -0.28 -5.51 -28.12
N HIS A 222 -0.38 -4.65 -27.10
CA HIS A 222 0.13 -3.28 -27.19
C HIS A 222 1.25 -2.97 -26.23
N ALA A 223 1.67 -3.90 -25.39
CA ALA A 223 2.78 -3.69 -24.45
C ALA A 223 4.01 -3.22 -25.21
N ARG A 224 4.66 -2.20 -24.69
CA ARG A 224 5.94 -1.79 -25.25
C ARG A 224 6.98 -1.60 -24.15
N PRO A 225 8.27 -1.74 -24.48
CA PRO A 225 9.29 -1.65 -23.42
C PRO A 225 9.36 -0.25 -22.83
N PHE A 226 9.44 -0.20 -21.48
CA PHE A 226 9.57 1.08 -20.80
C PHE A 226 10.87 1.75 -21.19
N SER A 227 11.87 0.96 -21.58
CA SER A 227 13.13 1.52 -22.01
C SER A 227 12.97 2.43 -23.22
N THR A 228 11.90 2.29 -24.01
CA THR A 228 11.65 3.17 -25.14
C THR A 228 10.92 4.45 -24.80
N VAL A 229 10.48 4.64 -23.55
CA VAL A 229 9.77 5.86 -23.19
C VAL A 229 10.77 7.02 -23.13
N LYS A 230 10.49 8.06 -23.88
CA LYS A 230 11.37 9.23 -23.84
C LYS A 230 11.13 10.02 -22.57
N PRO A 231 12.18 10.52 -21.93
CA PRO A 231 11.99 11.32 -20.72
C PRO A 231 11.18 12.56 -21.03
N MET A 232 10.39 13.00 -20.03
CA MET A 232 9.62 14.22 -20.20
C MET A 232 10.52 15.42 -20.45
N TYR A 233 11.59 15.51 -19.67
CA TYR A 233 12.58 16.56 -19.83
C TYR A 233 13.92 16.00 -19.38
N GLY A 234 14.98 16.74 -19.73
CA GLY A 234 16.32 16.30 -19.42
C GLY A 234 17.05 17.27 -18.53
N THR A 235 18.09 16.77 -17.86
CA THR A 235 18.94 17.58 -16.99
C THR A 235 19.34 18.89 -17.63
N SER B 3 12.26 15.80 35.23
CA SER B 3 13.48 14.99 35.17
C SER B 3 13.16 13.54 34.76
N GLN B 4 11.91 13.10 34.91
CA GLN B 4 11.51 11.85 34.28
C GLN B 4 11.39 12.04 32.78
N THR B 5 11.93 11.07 32.03
CA THR B 5 12.10 11.20 30.61
C THR B 5 11.57 9.95 29.91
N LEU B 6 11.29 10.10 28.63
CA LEU B 6 10.83 8.98 27.81
C LEU B 6 11.96 7.99 27.54
N PRO B 7 11.66 6.70 27.38
CA PRO B 7 12.76 5.74 27.19
C PRO B 7 13.50 5.92 25.89
N HIS B 8 12.82 6.31 24.82
CA HIS B 8 13.41 6.33 23.47
C HIS B 8 13.03 7.60 22.71
N GLY B 9 12.64 8.64 23.43
CA GLY B 9 12.25 9.88 22.80
C GLY B 9 10.84 9.85 22.25
N HIS B 10 10.49 10.96 21.61
CA HIS B 10 9.22 11.09 20.93
C HIS B 10 9.25 10.37 19.58
N MET B 11 8.30 9.45 19.37
CA MET B 11 8.21 8.75 18.10
C MET B 11 7.77 9.69 16.99
N GLN B 12 8.54 9.73 15.89
CA GLN B 12 8.20 10.64 14.80
C GLN B 12 7.34 9.97 13.75
N THR B 13 7.40 8.64 13.67
CA THR B 13 6.56 7.86 12.77
C THR B 13 5.89 6.72 13.53
N LEU B 14 4.61 6.52 13.29
CA LEU B 14 3.96 5.28 13.71
C LEU B 14 3.75 4.44 12.48
N ILE B 15 4.11 3.16 12.53
CA ILE B 15 3.87 2.26 11.41
C ILE B 15 2.85 1.23 11.85
N PHE B 16 1.62 1.37 11.38
CA PHE B 16 0.59 0.41 11.69
C PHE B 16 0.85 -0.86 10.88
N LEU B 17 0.82 -1.99 11.56
CA LEU B 17 1.26 -3.25 10.99
C LEU B 17 0.23 -4.33 11.28
N ASP B 18 -0.03 -5.15 10.27
CA ASP B 18 -0.74 -6.40 10.48
C ASP B 18 -0.18 -7.47 9.57
N LEU B 19 -0.25 -8.69 10.04
CA LEU B 19 0.05 -9.76 9.12
C LEU B 19 -0.98 -10.86 9.25
N GLU B 20 -1.10 -11.62 8.17
CA GLU B 20 -1.84 -12.87 8.15
C GLU B 20 -0.84 -14.00 8.04
N ALA B 21 -1.25 -15.19 8.47
CA ALA B 21 -0.35 -16.33 8.47
C ALA B 21 -1.14 -17.63 8.31
N THR B 22 -0.39 -18.73 8.31
CA THR B 22 -0.96 -20.04 8.07
C THR B 22 -1.72 -20.64 9.25
N GLY B 23 -1.62 -20.09 10.46
CA GLY B 23 -2.29 -20.68 11.60
C GLY B 23 -1.88 -20.02 12.90
N LEU B 24 -2.29 -20.67 14.01
CA LEU B 24 -2.07 -20.14 15.34
C LEU B 24 -0.67 -20.50 15.79
N PRO B 25 -0.17 -19.86 16.83
CA PRO B 25 1.27 -20.01 17.16
C PRO B 25 1.79 -21.44 17.31
N SER B 26 1.07 -22.37 17.93
CA SER B 26 1.64 -23.69 18.18
C SER B 26 1.83 -24.48 16.90
N SER B 27 1.24 -24.05 15.78
CA SER B 27 1.44 -24.69 14.48
C SER B 27 2.74 -24.25 13.79
N ARG B 28 3.50 -23.34 14.38
CA ARG B 28 4.74 -22.75 13.83
C ARG B 28 4.40 -22.10 12.49
N PRO B 29 3.53 -21.11 12.53
CA PRO B 29 2.98 -20.56 11.28
C PRO B 29 4.00 -19.75 10.49
N GLU B 30 3.65 -19.54 9.22
CA GLU B 30 4.41 -18.70 8.30
C GLU B 30 3.52 -17.60 7.78
N VAL B 31 4.14 -16.43 7.54
CA VAL B 31 3.42 -15.25 7.11
C VAL B 31 2.95 -15.44 5.67
N THR B 32 1.68 -15.09 5.41
CA THR B 32 1.10 -15.08 4.06
C THR B 32 0.72 -13.69 3.55
N GLU B 33 0.64 -12.68 4.41
CA GLU B 33 0.34 -11.31 3.99
C GLU B 33 0.89 -10.35 5.04
N LEU B 34 1.40 -9.20 4.58
CA LEU B 34 1.93 -8.18 5.45
C LEU B 34 1.51 -6.82 4.95
N CYS B 35 1.03 -5.97 5.85
CA CYS B 35 0.78 -4.59 5.50
C CYS B 35 1.40 -3.66 6.53
N LEU B 36 2.07 -2.62 6.04
CA LEU B 36 2.61 -1.53 6.83
C LEU B 36 1.96 -0.24 6.36
N LEU B 37 1.55 0.63 7.28
CA LEU B 37 1.01 1.94 6.92
C LEU B 37 1.73 2.93 7.82
N ALA B 38 2.63 3.75 7.24
CA ALA B 38 3.48 4.68 7.98
C ALA B 38 2.85 6.07 7.99
N VAL B 39 2.61 6.60 9.20
CA VAL B 39 1.97 7.88 9.41
C VAL B 39 2.90 8.72 10.29
N HIS B 40 3.23 9.93 9.84
CA HIS B 40 4.02 10.85 10.64
C HIS B 40 3.24 11.33 11.86
N ARG B 41 3.97 11.63 12.94
CA ARG B 41 3.33 12.13 14.16
C ARG B 41 2.44 13.32 13.86
N ARG B 42 2.90 14.24 13.02
CA ARG B 42 2.14 15.44 12.74
C ARG B 42 0.84 15.11 12.03
N ALA B 43 0.86 14.10 11.16
CA ALA B 43 -0.37 13.73 10.44
C ALA B 43 -1.40 13.13 11.39
N LEU B 44 -0.95 12.33 12.36
CA LEU B 44 -1.85 11.81 13.38
C LEU B 44 -2.43 12.94 14.21
N GLU B 45 -1.58 13.81 14.73
CA GLU B 45 -2.09 14.88 15.60
C GLU B 45 -2.81 15.97 14.82
N ASN B 46 -2.79 15.93 13.49
CA ASN B 46 -3.63 16.81 12.68
C ASN B 46 -5.08 16.33 12.60
N THR B 47 -5.37 15.08 12.99
CA THR B 47 -6.71 14.53 12.90
C THR B 47 -7.71 15.45 13.59
N SER B 48 -8.86 15.65 12.96
CA SER B 48 -9.89 16.45 13.60
C SER B 48 -10.31 15.82 14.92
N ILE B 49 -10.51 16.67 15.93
CA ILE B 49 -10.91 16.20 17.26
C ILE B 49 -12.18 15.36 17.15
N SER B 50 -12.24 14.27 17.91
CA SER B 50 -13.44 13.45 17.97
C SER B 50 -14.48 14.15 18.84
N GLN B 51 -15.64 14.46 18.26
CA GLN B 51 -16.71 15.11 19.01
C GLN B 51 -18.03 14.43 18.67
N GLY B 52 -18.93 14.38 19.66
CA GLY B 52 -20.21 13.75 19.49
C GLY B 52 -20.18 12.27 19.81
N HIS B 53 -21.38 11.68 19.86
CA HIS B 53 -21.53 10.28 20.26
C HIS B 53 -22.54 9.62 19.32
N PRO B 54 -22.06 8.79 18.37
CA PRO B 54 -20.65 8.46 18.13
C PRO B 54 -19.97 9.55 17.32
N PRO B 55 -18.66 9.67 17.48
CA PRO B 55 -17.91 10.51 16.57
C PRO B 55 -17.87 9.89 15.18
N PRO B 56 -17.65 10.69 14.14
CA PRO B 56 -17.46 10.09 12.82
C PRO B 56 -16.16 9.30 12.78
N VAL B 57 -16.11 8.28 11.93
CA VAL B 57 -14.86 7.53 11.75
C VAL B 57 -13.84 8.52 11.20
N PRO B 58 -12.66 8.66 11.82
CA PRO B 58 -11.70 9.67 11.33
C PRO B 58 -11.31 9.46 9.87
N ARG B 59 -11.05 10.57 9.21
CA ARG B 59 -10.52 10.53 7.85
C ARG B 59 -9.05 10.19 7.92
N PRO B 60 -8.58 9.21 7.17
CA PRO B 60 -7.15 8.89 7.14
C PRO B 60 -6.36 10.11 6.71
N PRO B 61 -5.16 10.34 7.25
CA PRO B 61 -4.36 11.49 6.81
C PRO B 61 -4.06 11.43 5.30
N ARG B 62 -3.94 12.63 4.70
CA ARG B 62 -3.60 12.70 3.28
C ARG B 62 -2.23 12.11 3.01
N VAL B 63 -1.27 12.38 3.89
CA VAL B 63 0.10 11.95 3.67
C VAL B 63 0.31 10.67 4.46
N VAL B 64 0.44 9.56 3.73
CA VAL B 64 0.75 8.28 4.32
C VAL B 64 1.58 7.52 3.31
N ASP B 65 2.37 6.58 3.83
CA ASP B 65 3.09 5.62 3.01
C ASP B 65 2.50 4.23 3.31
N LYS B 66 2.29 3.40 2.28
CA LYS B 66 1.64 2.11 2.44
C LYS B 66 2.40 1.05 1.67
N LEU B 67 2.53 -0.14 2.30
CA LEU B 67 3.08 -1.32 1.63
C LEU B 67 2.20 -2.51 2.00
N SER B 68 1.72 -3.24 1.03
CA SER B 68 0.95 -4.43 1.32
C SER B 68 1.44 -5.51 0.38
N LEU B 69 1.80 -6.67 0.92
CA LEU B 69 2.39 -7.75 0.14
C LEU B 69 1.79 -9.10 0.51
N CYS B 70 1.57 -9.95 -0.50
CA CYS B 70 1.25 -11.36 -0.30
C CYS B 70 2.50 -12.21 -0.48
N ILE B 71 2.59 -13.23 0.34
CA ILE B 71 3.82 -14.00 0.56
C ILE B 71 3.48 -15.48 0.50
N ALA B 72 4.18 -16.24 -0.37
CA ALA B 72 3.98 -17.68 -0.44
C ALA B 72 4.58 -18.34 0.80
N PRO B 73 3.81 -19.08 1.58
CA PRO B 73 4.39 -19.82 2.73
C PRO B 73 4.98 -21.13 2.26
N GLY B 74 5.85 -21.70 3.11
CA GLY B 74 6.35 -23.02 2.83
C GLY B 74 5.48 -24.18 3.30
N LYS B 75 4.44 -23.89 4.08
CA LYS B 75 3.52 -24.91 4.58
C LYS B 75 2.08 -24.45 4.31
N ALA B 76 1.15 -25.40 4.33
CA ALA B 76 -0.24 -25.11 4.02
C ALA B 76 -0.89 -24.27 5.11
N CYS B 77 -1.85 -23.44 4.72
CA CYS B 77 -2.70 -22.78 5.69
C CYS B 77 -3.64 -23.79 6.31
N SER B 78 -3.90 -23.66 7.60
CA SER B 78 -4.93 -24.47 8.23
C SER B 78 -6.27 -24.19 7.55
N PRO B 79 -7.21 -25.12 7.61
CA PRO B 79 -8.54 -24.84 7.06
C PRO B 79 -9.12 -23.55 7.62
N GLY B 80 -9.06 -23.40 8.94
CA GLY B 80 -9.57 -22.21 9.58
C GLY B 80 -8.85 -20.95 9.13
N ALA B 81 -7.53 -21.02 8.96
CA ALA B 81 -6.78 -19.83 8.52
C ALA B 81 -7.21 -19.42 7.11
N SER B 82 -7.33 -20.38 6.20
CA SER B 82 -7.69 -20.02 4.83
C SER B 82 -9.10 -19.46 4.78
N GLU B 83 -10.01 -20.03 5.56
CA GLU B 83 -11.37 -19.52 5.60
C GLU B 83 -11.41 -18.07 6.10
N ILE B 84 -10.69 -17.78 7.18
CA ILE B 84 -10.75 -16.44 7.78
C ILE B 84 -10.03 -15.42 6.90
N THR B 85 -8.87 -15.78 6.34
CA THR B 85 -8.04 -14.81 5.64
C THR B 85 -8.31 -14.73 4.14
N GLY B 86 -8.93 -15.75 3.57
CA GLY B 86 -9.13 -15.76 2.13
C GLY B 86 -7.91 -16.11 1.31
N LEU B 87 -6.86 -16.60 1.96
CA LEU B 87 -5.61 -16.95 1.32
C LEU B 87 -5.32 -18.43 1.48
N SER B 88 -4.60 -18.99 0.50
CA SER B 88 -4.17 -20.38 0.57
C SER B 88 -2.79 -20.50 -0.08
N LYS B 89 -2.00 -21.45 0.40
CA LYS B 89 -0.71 -21.68 -0.23
C LYS B 89 -0.87 -21.96 -1.71
N ALA B 90 -1.83 -22.80 -2.07
CA ALA B 90 -2.03 -23.16 -3.47
C ALA B 90 -2.25 -21.93 -4.32
N GLU B 91 -3.12 -21.03 -3.86
CA GLU B 91 -3.46 -19.87 -4.69
C GLU B 91 -2.31 -18.87 -4.72
N LEU B 92 -1.58 -18.73 -3.62
CA LEU B 92 -0.46 -17.81 -3.65
C LEU B 92 0.61 -18.30 -4.61
N GLU B 93 0.79 -19.60 -4.69
CA GLU B 93 1.75 -20.18 -5.63
C GLU B 93 1.30 -20.02 -7.09
N VAL B 94 0.02 -20.26 -7.37
CA VAL B 94 -0.41 -20.17 -8.77
C VAL B 94 -0.24 -18.74 -9.27
N GLN B 95 -0.27 -17.78 -8.36
CA GLN B 95 -0.07 -16.39 -8.71
C GLN B 95 1.36 -15.94 -8.51
N GLY B 96 2.28 -16.90 -8.37
CA GLY B 96 3.69 -16.64 -8.44
C GLY B 96 4.23 -15.81 -7.30
N ARG B 97 3.60 -15.86 -6.13
CA ARG B 97 4.14 -15.12 -5.01
C ARG B 97 5.44 -15.78 -4.53
N GLN B 98 6.38 -14.92 -4.14
CA GLN B 98 7.67 -15.34 -3.64
C GLN B 98 7.59 -15.56 -2.15
N ARG B 99 8.51 -16.37 -1.65
CA ARG B 99 8.63 -16.64 -0.21
C ARG B 99 9.16 -15.43 0.54
N PHE B 100 9.17 -15.54 1.86
CA PHE B 100 9.78 -14.55 2.75
C PHE B 100 11.30 -14.69 2.64
N ASP B 101 11.96 -13.79 1.93
CA ASP B 101 13.36 -13.97 1.58
C ASP B 101 14.16 -12.68 1.77
N ASP B 102 15.44 -12.77 1.38
CA ASP B 102 16.32 -11.63 1.63
C ASP B 102 15.85 -10.40 0.85
N ASN B 103 15.36 -10.59 -0.37
CA ASN B 103 14.88 -9.45 -1.13
C ASN B 103 13.72 -8.76 -0.43
N LEU B 104 12.84 -9.53 0.25
CA LEU B 104 11.77 -8.92 1.03
C LEU B 104 12.33 -8.11 2.19
N ALA B 105 13.38 -8.60 2.86
CA ALA B 105 13.99 -7.80 3.92
C ALA B 105 14.55 -6.49 3.37
N ILE B 106 15.20 -6.53 2.20
CA ILE B 106 15.72 -5.33 1.55
C ILE B 106 14.59 -4.36 1.22
N LEU B 107 13.47 -4.86 0.71
CA LEU B 107 12.29 -4.05 0.46
C LEU B 107 11.79 -3.37 1.73
N LEU B 108 11.62 -4.17 2.78
CA LEU B 108 11.15 -3.63 4.06
C LEU B 108 12.11 -2.55 4.58
N ARG B 109 13.42 -2.80 4.53
CA ARG B 109 14.37 -1.82 5.03
C ARG B 109 14.25 -0.49 4.29
N ALA B 110 14.14 -0.55 2.96
CA ALA B 110 14.09 0.67 2.16
C ALA B 110 12.82 1.43 2.42
N PHE B 111 11.70 0.73 2.67
CA PHE B 111 10.45 1.38 3.08
C PHE B 111 10.63 2.07 4.43
N LEU B 112 11.22 1.36 5.40
CA LEU B 112 11.43 1.93 6.73
C LEU B 112 12.36 3.14 6.70
N GLN B 113 13.37 3.09 5.83
CA GLN B 113 14.33 4.17 5.72
C GLN B 113 13.73 5.47 5.20
N ARG B 114 12.57 5.42 4.54
CA ARG B 114 11.88 6.64 4.11
C ARG B 114 11.15 7.30 5.26
N GLN B 115 11.14 6.68 6.44
CA GLN B 115 10.33 7.26 7.52
C GLN B 115 11.20 7.96 8.53
N PRO B 116 10.80 9.16 8.98
CA PRO B 116 11.57 9.81 10.03
C PRO B 116 11.63 8.99 11.32
N GLN B 117 12.80 9.03 11.98
CA GLN B 117 13.08 8.29 13.19
C GLN B 117 12.99 9.21 14.40
N PRO B 118 12.68 8.67 15.57
CA PRO B 118 12.41 7.27 15.86
C PRO B 118 11.08 6.82 15.29
N CYS B 119 11.02 5.57 14.90
CA CYS B 119 9.85 4.95 14.31
C CYS B 119 9.35 3.81 15.18
N CYS B 120 8.03 3.70 15.34
CA CYS B 120 7.44 2.67 16.17
C CYS B 120 6.40 1.85 15.43
N LEU B 121 6.60 0.54 15.32
CA LEU B 121 5.53 -0.33 14.85
C LEU B 121 4.39 -0.37 15.86
N VAL B 122 3.16 -0.40 15.35
CA VAL B 122 1.95 -0.52 16.18
C VAL B 122 1.13 -1.66 15.62
N ALA B 123 0.88 -2.71 16.41
CA ALA B 123 0.11 -3.85 15.93
C ALA B 123 -0.78 -4.40 17.02
N HIS B 124 -2.02 -4.75 16.64
CA HIS B 124 -3.01 -5.26 17.58
C HIS B 124 -2.70 -6.72 17.88
N ASN B 125 -2.42 -7.04 19.14
CA ASN B 125 -1.85 -8.31 19.57
C ASN B 125 -0.45 -8.54 19.02
N GLY B 126 0.26 -7.45 18.69
CA GLY B 126 1.63 -7.56 18.20
C GLY B 126 2.58 -8.26 19.16
N ASP B 127 2.40 -8.04 20.47
CA ASP B 127 3.35 -8.63 21.41
C ASP B 127 3.24 -10.14 21.50
N ARG B 128 2.07 -10.72 21.26
CA ARG B 128 1.90 -12.16 21.31
C ARG B 128 1.96 -12.82 19.94
N TYR B 129 1.75 -12.06 18.87
CA TYR B 129 1.66 -12.71 17.57
C TYR B 129 2.52 -12.00 16.53
N ASP B 130 2.12 -10.82 16.06
CA ASP B 130 2.77 -10.26 14.88
C ASP B 130 4.27 -10.06 15.10
N PHE B 131 4.66 -9.50 16.24
CA PHE B 131 6.07 -9.17 16.41
C PHE B 131 6.92 -10.43 16.57
N PRO B 132 6.56 -11.38 17.43
CA PRO B 132 7.36 -12.64 17.52
C PRO B 132 7.44 -13.38 16.18
N LEU B 133 6.34 -13.41 15.43
CA LEU B 133 6.35 -14.11 14.15
C LEU B 133 7.24 -13.39 13.14
N LEU B 134 7.15 -12.07 13.07
CA LEU B 134 8.05 -11.33 12.17
C LEU B 134 9.50 -11.57 12.57
N GLN B 135 9.78 -11.58 13.89
CA GLN B 135 11.15 -11.85 14.35
C GLN B 135 11.63 -13.22 13.86
N THR B 136 10.76 -14.23 13.96
CA THR B 136 11.09 -15.56 13.46
C THR B 136 11.38 -15.55 11.96
N GLU B 137 10.51 -14.93 11.17
CA GLU B 137 10.74 -14.92 9.73
C GLU B 137 12.05 -14.24 9.40
N LEU B 138 12.34 -13.11 10.04
CA LEU B 138 13.57 -12.38 9.74
C LEU B 138 14.79 -13.15 10.18
N ALA B 139 14.67 -13.99 11.20
CA ALA B 139 15.82 -14.70 11.73
C ALA B 139 16.32 -15.75 10.77
N ARG B 140 15.46 -16.21 9.86
CA ARG B 140 15.84 -17.20 8.86
C ARG B 140 16.74 -16.62 7.77
N LEU B 141 16.78 -15.30 7.62
CA LEU B 141 17.41 -14.66 6.47
C LEU B 141 18.88 -14.40 6.71
N SER B 142 19.59 -14.05 5.62
CA SER B 142 21.03 -13.75 5.73
C SER B 142 21.31 -12.27 5.94
N THR B 143 20.31 -11.41 5.77
CA THR B 143 20.49 -9.98 6.00
C THR B 143 20.46 -9.67 7.50
N PRO B 144 20.99 -8.52 7.91
CA PRO B 144 20.67 -8.03 9.24
C PRO B 144 19.16 -7.86 9.32
N SER B 145 18.67 -7.75 10.54
CA SER B 145 17.27 -7.45 10.69
C SER B 145 16.99 -6.05 10.15
N PRO B 146 16.02 -5.88 9.27
CA PRO B 146 15.69 -4.52 8.82
C PRO B 146 15.05 -3.68 9.91
N LEU B 147 14.57 -4.32 10.98
CA LEU B 147 13.93 -3.62 12.07
C LEU B 147 14.87 -3.30 13.23
N ASP B 148 16.20 -3.42 13.06
CA ASP B 148 17.00 -3.42 14.27
C ASP B 148 16.99 -2.08 15.04
N GLY B 149 16.75 -0.96 14.38
CA GLY B 149 16.61 0.30 15.09
C GLY B 149 15.18 0.81 15.23
N THR B 150 14.21 -0.05 15.00
CA THR B 150 12.81 0.34 15.04
C THR B 150 12.22 -0.12 16.37
N PHE B 151 11.25 0.65 16.89
CA PHE B 151 10.58 0.32 18.14
C PHE B 151 9.23 -0.32 17.85
N CYS B 152 8.56 -0.80 18.90
CA CYS B 152 7.26 -1.43 18.71
C CYS B 152 6.42 -1.34 19.97
N VAL B 153 5.11 -1.39 19.75
CA VAL B 153 4.12 -1.40 20.82
C VAL B 153 2.89 -2.20 20.37
N ASP B 154 2.13 -2.71 21.34
CA ASP B 154 0.87 -3.43 21.10
C ASP B 154 -0.30 -2.48 21.37
N SER B 155 -1.20 -2.35 20.40
CA SER B 155 -2.32 -1.44 20.55
C SER B 155 -3.41 -1.97 21.48
N ILE B 156 -3.43 -3.26 21.84
CA ILE B 156 -4.42 -3.70 22.82
C ILE B 156 -4.22 -2.97 24.15
N ALA B 157 -3.00 -3.00 24.68
CA ALA B 157 -2.71 -2.26 25.89
C ALA B 157 -3.02 -0.78 25.73
N ALA B 158 -2.69 -0.20 24.55
CA ALA B 158 -2.92 1.21 24.37
C ALA B 158 -4.41 1.54 24.49
N LEU B 159 -5.22 0.79 23.81
CA LEU B 159 -6.64 1.13 23.83
C LEU B 159 -7.30 0.78 25.15
N LYS B 160 -6.84 -0.26 25.84
CA LYS B 160 -7.31 -0.50 27.20
C LYS B 160 -7.07 0.74 28.06
N ALA B 161 -5.88 1.32 27.94
CA ALA B 161 -5.56 2.51 28.72
C ALA B 161 -6.42 3.69 28.31
N LEU B 162 -6.59 3.89 27.01
CA LEU B 162 -7.33 5.05 26.54
C LEU B 162 -8.81 4.93 26.86
N GLU B 163 -9.36 3.72 26.80
CA GLU B 163 -10.80 3.60 27.11
C GLU B 163 -11.04 3.68 28.60
N GLN B 164 -10.08 3.25 29.41
CA GLN B 164 -10.16 3.44 30.85
C GLN B 164 -10.25 4.92 31.19
N ALA B 165 -9.43 5.74 30.53
CA ALA B 165 -9.41 7.17 30.79
C ALA B 165 -10.74 7.83 30.42
N SER B 166 -11.44 7.28 29.44
CA SER B 166 -12.79 7.75 29.14
C SER B 166 -13.82 6.83 29.81
N GLY B 172 -14.62 -2.20 32.28
CA GLY B 172 -13.31 -2.66 31.87
C GLY B 172 -13.17 -4.17 31.78
N SER B 173 -13.92 -4.91 32.59
CA SER B 173 -13.82 -6.36 32.60
C SER B 173 -14.99 -7.03 31.87
N ARG B 174 -14.62 -8.06 31.08
CA ARG B 174 -15.33 -8.73 29.99
C ARG B 174 -15.85 -7.75 28.90
N LYS B 175 -15.23 -6.59 28.78
CA LYS B 175 -15.21 -5.85 27.52
C LYS B 175 -14.12 -6.46 26.63
N SER B 176 -14.49 -6.93 25.44
CA SER B 176 -13.51 -7.44 24.50
C SER B 176 -12.69 -6.30 23.95
N TYR B 177 -11.38 -6.51 23.85
CA TYR B 177 -10.48 -5.61 23.16
C TYR B 177 -10.01 -6.19 21.83
N SER B 178 -10.86 -7.01 21.21
CA SER B 178 -10.65 -7.37 19.81
C SER B 178 -10.68 -6.11 18.96
N LEU B 179 -10.02 -6.17 17.80
CA LEU B 179 -10.02 -5.02 16.89
C LEU B 179 -11.43 -4.58 16.54
N GLY B 180 -12.28 -5.51 16.10
CA GLY B 180 -13.65 -5.17 15.74
C GLY B 180 -14.48 -4.65 16.90
N SER B 181 -14.32 -5.25 18.08
CA SER B 181 -15.07 -4.79 19.24
C SER B 181 -14.77 -3.33 19.55
N ILE B 182 -13.49 -2.97 19.57
CA ILE B 182 -13.11 -1.59 19.88
C ILE B 182 -13.69 -0.65 18.83
N TYR B 183 -13.52 -0.98 17.56
CA TYR B 183 -13.97 -0.09 16.50
C TYR B 183 -15.47 0.16 16.60
N THR B 184 -16.23 -0.91 16.85
CA THR B 184 -17.68 -0.76 16.94
C THR B 184 -18.07 0.01 18.18
N ARG B 185 -17.36 -0.18 19.29
CA ARG B 185 -17.63 0.61 20.48
C ARG B 185 -17.41 2.10 20.24
N LEU B 186 -16.31 2.44 19.55
CA LEU B 186 -15.97 3.85 19.33
C LEU B 186 -16.89 4.49 18.29
N TYR B 187 -17.20 3.78 17.19
CA TYR B 187 -17.83 4.40 16.02
C TYR B 187 -19.25 3.90 15.71
N TRP B 188 -19.69 2.85 16.38
CA TRP B 188 -21.06 2.32 16.28
C TRP B 188 -21.34 1.78 14.87
N GLN B 189 -20.29 1.34 14.19
CA GLN B 189 -20.38 0.70 12.89
C GLN B 189 -19.42 -0.48 12.91
N ALA B 190 -19.68 -1.45 12.03
CA ALA B 190 -18.75 -2.55 11.85
C ALA B 190 -17.57 -2.16 10.96
N PRO B 191 -16.39 -2.71 11.22
CA PRO B 191 -15.27 -2.47 10.31
C PRO B 191 -15.47 -3.21 9.00
N THR B 192 -14.66 -2.85 8.01
CA THR B 192 -14.65 -3.50 6.71
C THR B 192 -13.35 -4.26 6.48
N ASP B 193 -13.43 -5.28 5.60
CA ASP B 193 -12.27 -6.06 5.15
C ASP B 193 -11.51 -6.68 6.31
N SER B 194 -12.27 -7.21 7.28
CA SER B 194 -11.69 -7.87 8.44
C SER B 194 -10.85 -9.09 8.04
N HIS B 195 -9.77 -9.32 8.80
CA HIS B 195 -8.90 -10.47 8.64
C HIS B 195 -8.19 -10.46 7.29
N THR B 196 -8.02 -9.26 6.72
CA THR B 196 -7.07 -9.02 5.64
C THR B 196 -6.05 -8.04 6.17
N ALA B 197 -4.80 -8.15 5.71
CA ALA B 197 -3.77 -7.35 6.35
C ALA B 197 -4.06 -5.87 6.17
N GLU B 198 -4.36 -5.42 4.94
CA GLU B 198 -4.57 -3.99 4.78
C GLU B 198 -5.86 -3.55 5.43
N GLY B 199 -6.94 -4.34 5.32
CA GLY B 199 -8.19 -3.94 5.94
C GLY B 199 -8.06 -3.78 7.44
N ASP B 200 -7.34 -4.68 8.09
CA ASP B 200 -7.17 -4.57 9.54
C ASP B 200 -6.22 -3.46 9.93
N VAL B 201 -5.23 -3.13 9.10
CA VAL B 201 -4.38 -1.98 9.37
C VAL B 201 -5.21 -0.70 9.31
N LEU B 202 -6.09 -0.58 8.32
CA LEU B 202 -6.92 0.63 8.20
C LEU B 202 -7.90 0.75 9.36
N THR B 203 -8.46 -0.35 9.82
CA THR B 203 -9.29 -0.32 11.02
C THR B 203 -8.49 0.12 12.22
N LEU B 204 -7.28 -0.39 12.37
CA LEU B 204 -6.43 0.01 13.49
C LEU B 204 -6.08 1.50 13.43
N LEU B 205 -5.75 2.03 12.24
CA LEU B 205 -5.51 3.47 12.07
C LEU B 205 -6.71 4.27 12.56
N SER B 206 -7.92 3.85 12.20
CA SER B 206 -9.11 4.58 12.63
C SER B 206 -9.25 4.59 14.15
N ILE B 207 -8.98 3.45 14.79
CA ILE B 207 -9.05 3.40 16.24
C ILE B 207 -8.00 4.28 16.86
N CYS B 208 -6.80 4.30 16.30
CA CYS B 208 -5.74 5.11 16.88
C CYS B 208 -5.92 6.59 16.60
N GLN B 209 -6.77 6.96 15.63
CA GLN B 209 -7.10 8.36 15.39
C GLN B 209 -8.22 8.87 16.29
N TRP B 210 -8.84 8.01 17.11
CA TRP B 210 -9.88 8.44 18.04
C TRP B 210 -9.37 9.54 18.97
N LYS B 211 -8.24 9.29 19.66
CA LYS B 211 -7.66 10.21 20.64
C LYS B 211 -6.17 10.28 20.34
N PRO B 212 -5.80 11.03 19.31
CA PRO B 212 -4.42 10.94 18.79
C PRO B 212 -3.37 11.39 19.78
N GLN B 213 -3.61 12.47 20.51
CA GLN B 213 -2.58 12.96 21.43
C GLN B 213 -2.38 11.95 22.55
N ALA B 214 -3.47 11.40 23.09
CA ALA B 214 -3.34 10.44 24.18
C ALA B 214 -2.68 9.18 23.69
N LEU B 215 -3.00 8.76 22.46
CA LEU B 215 -2.40 7.56 21.88
C LEU B 215 -0.89 7.78 21.72
N LEU B 216 -0.50 8.95 21.20
CA LEU B 216 0.93 9.22 21.00
C LEU B 216 1.70 9.24 22.32
N GLN B 217 1.10 9.80 23.37
CA GLN B 217 1.76 9.86 24.68
C GLN B 217 1.95 8.45 25.22
N TRP B 218 0.91 7.63 25.11
CA TRP B 218 1.05 6.25 25.57
C TRP B 218 2.11 5.52 24.76
N VAL B 219 2.12 5.68 23.43
CA VAL B 219 3.10 4.99 22.59
C VAL B 219 4.51 5.42 22.98
N ASP B 220 4.73 6.73 23.11
CA ASP B 220 6.06 7.22 23.48
C ASP B 220 6.53 6.56 24.78
N GLU B 221 5.63 6.37 25.74
CA GLU B 221 6.04 5.86 27.03
C GLU B 221 6.26 4.37 27.03
N HIS B 222 5.66 3.63 26.09
CA HIS B 222 5.69 2.18 26.13
C HIS B 222 6.50 1.55 25.01
N ALA B 223 7.03 2.35 24.07
CA ALA B 223 7.80 1.83 22.95
C ALA B 223 9.02 1.06 23.44
N ARG B 224 9.24 -0.11 22.85
CA ARG B 224 10.45 -0.87 23.16
C ARG B 224 11.14 -1.29 21.87
N PRO B 225 12.43 -1.60 21.92
CA PRO B 225 13.12 -1.96 20.67
C PRO B 225 12.59 -3.28 20.12
N PHE B 226 12.38 -3.31 18.80
CA PHE B 226 11.97 -4.54 18.14
C PHE B 226 13.01 -5.63 18.33
N SER B 227 14.26 -5.23 18.47
CA SER B 227 15.31 -6.22 18.65
C SER B 227 15.16 -7.02 19.94
N THR B 228 14.37 -6.54 20.91
CA THR B 228 14.14 -7.26 22.16
C THR B 228 12.98 -8.25 22.09
N VAL B 229 12.23 -8.26 20.98
CA VAL B 229 11.12 -9.18 20.84
C VAL B 229 11.66 -10.60 20.63
N LYS B 230 11.21 -11.51 21.46
CA LYS B 230 11.60 -12.92 21.37
C LYS B 230 10.89 -13.57 20.19
N PRO B 231 11.60 -14.36 19.39
CA PRO B 231 10.97 -15.08 18.29
C PRO B 231 9.87 -16.00 18.79
N MET B 232 8.84 -16.13 17.97
CA MET B 232 7.74 -17.03 18.28
C MET B 232 8.24 -18.46 18.42
N TYR B 233 9.09 -18.88 17.49
CA TYR B 233 9.69 -20.21 17.49
C TYR B 233 11.05 -20.12 16.80
N GLY B 234 11.86 -21.16 16.98
CA GLY B 234 13.22 -21.17 16.49
C GLY B 234 13.40 -22.17 15.36
N THR B 235 14.53 -22.02 14.68
CA THR B 235 14.95 -23.00 13.68
C THR B 235 14.94 -24.42 14.28
#